data_4KBQ
#
_entry.id   4KBQ
#
_cell.length_a   78.500
_cell.length_b   78.500
_cell.length_c   424.700
_cell.angle_alpha   90.00
_cell.angle_beta   90.00
_cell.angle_gamma   120.00
#
_symmetry.space_group_name_H-M   'P 61 2 2'
#
loop_
_entity.id
_entity.type
_entity.pdbx_description
1 polymer 'E3 ubiquitin-protein ligase CHIP'
2 polymer 'Heat shock cognate 71 kDa protein'
3 water water
#
loop_
_entity_poly.entity_id
_entity_poly.type
_entity_poly.pdbx_seq_one_letter_code
_entity_poly.pdbx_strand_id
1 'polypeptide(L)'
;GAMGSEKSPSAQELKEQGNRLFVGRKYPEAAACYGRAITRNPLVAVYYTNRALCYLKMQQHEQALADCRRALELDGQSVK
AHFFLGQCQLEMESYDEAIANLQRAYSLAKEQRLNFGDDIPSALRIAKKKRWNSIEERR
;
A,B
2 'polypeptide(L)'
;GIDPFTEFSLESYAFNMKATVEDEKLQGKINDEDKQKILDKCNEIINWLDKNQTAEKEEFEHQQKELEKVCNPIITKLYQ
SAGGMPGGMPGGFGPTIEEVD
;
D,C
#
# COMPACT_ATOMS: atom_id res chain seq x y z
N PRO A 9 -26.87 11.06 -11.16
CA PRO A 9 -26.21 10.92 -9.85
C PRO A 9 -24.72 11.23 -10.00
N SER A 10 -24.14 11.94 -9.04
CA SER A 10 -22.72 12.25 -9.08
C SER A 10 -21.80 11.10 -8.63
N ALA A 11 -20.51 11.29 -8.82
CA ALA A 11 -19.54 10.28 -8.45
C ALA A 11 -19.46 10.14 -6.93
N GLN A 12 -19.56 11.27 -6.24
CA GLN A 12 -19.54 11.28 -4.79
C GLN A 12 -20.80 10.65 -4.23
N GLU A 13 -21.93 10.99 -4.81
CA GLU A 13 -23.19 10.39 -4.41
C GLU A 13 -23.15 8.87 -4.59
N LEU A 14 -22.61 8.41 -5.71
CA LEU A 14 -22.49 6.97 -5.96
C LEU A 14 -21.53 6.23 -5.01
N LYS A 15 -20.46 6.90 -4.59
CA LYS A 15 -19.56 6.29 -3.64
C LYS A 15 -20.26 6.06 -2.30
N GLU A 16 -21.04 7.04 -1.88
CA GLU A 16 -21.76 6.97 -0.62
C GLU A 16 -22.81 5.87 -0.65
N GLN A 17 -23.52 5.68 -1.77
CA GLN A 17 -24.46 4.56 -1.84
C GLN A 17 -23.71 3.24 -1.69
N GLY A 18 -22.57 3.15 -2.36
CA GLY A 18 -21.74 1.96 -2.30
C GLY A 18 -21.22 1.69 -0.92
N ASN A 19 -20.84 2.73 -0.20
CA ASN A 19 -20.37 2.58 1.17
C ASN A 19 -21.46 2.05 2.08
N ARG A 20 -22.69 2.49 1.87
CA ARG A 20 -23.78 2.02 2.70
C ARG A 20 -23.97 0.53 2.44
N LEU A 21 -23.94 0.15 1.18
CA LEU A 21 -24.02 -1.26 0.82
C LEU A 21 -22.88 -2.11 1.42
N PHE A 22 -21.69 -1.52 1.50
CA PHE A 22 -20.54 -2.23 2.03
C PHE A 22 -20.77 -2.55 3.51
N VAL A 23 -21.24 -1.56 4.26
CA VAL A 23 -21.56 -1.71 5.68
C VAL A 23 -22.64 -2.79 5.88
N GLY A 24 -23.55 -2.89 4.92
CA GLY A 24 -24.61 -3.89 4.95
C GLY A 24 -24.18 -5.28 4.53
N ARG A 25 -22.91 -5.41 4.22
CA ARG A 25 -22.35 -6.69 3.81
C ARG A 25 -22.93 -7.21 2.49
N LYS A 26 -23.49 -6.30 1.70
CA LYS A 26 -23.92 -6.63 0.34
C LYS A 26 -22.80 -6.20 -0.60
N TYR A 27 -21.78 -7.05 -0.72
CA TYR A 27 -20.52 -6.70 -1.41
C TYR A 27 -20.60 -6.59 -2.93
N PRO A 28 -21.22 -7.56 -3.61
CA PRO A 28 -21.27 -7.40 -5.06
C PRO A 28 -21.97 -6.11 -5.46
N GLU A 29 -23.09 -5.81 -4.78
CA GLU A 29 -23.89 -4.63 -5.08
C GLU A 29 -23.12 -3.34 -4.78
N ALA A 30 -22.31 -3.37 -3.72
CA ALA A 30 -21.44 -2.22 -3.38
C ALA A 30 -20.35 -1.98 -4.42
N ALA A 31 -19.78 -3.06 -4.96
CA ALA A 31 -18.76 -2.96 -6.01
C ALA A 31 -19.33 -2.32 -7.28
N ALA A 32 -20.57 -2.66 -7.60
CA ALA A 32 -21.20 -2.11 -8.80
C ALA A 32 -21.32 -0.58 -8.70
N CYS A 33 -21.64 -0.10 -7.50
CA CYS A 33 -21.68 1.33 -7.24
C CYS A 33 -20.32 1.98 -7.45
N TYR A 34 -19.27 1.35 -6.95
CA TYR A 34 -17.93 1.91 -7.09
C TYR A 34 -17.53 2.00 -8.57
N GLY A 35 -17.97 1.04 -9.35
CA GLY A 35 -17.65 1.05 -10.77
C GLY A 35 -18.29 2.23 -11.46
N ARG A 36 -19.57 2.42 -11.17
CA ARG A 36 -20.36 3.51 -11.73
C ARG A 36 -19.77 4.85 -11.35
N ALA A 37 -19.33 4.96 -10.10
CA ALA A 37 -18.61 6.13 -9.65
C ALA A 37 -17.30 6.30 -10.45
N ILE A 38 -16.61 5.20 -10.71
CA ILE A 38 -15.37 5.26 -11.49
C ILE A 38 -15.64 5.81 -12.90
N THR A 39 -16.73 5.33 -13.51
CA THR A 39 -17.14 5.78 -14.83
C THR A 39 -17.33 7.29 -14.93
N ARG A 40 -17.98 7.89 -13.95
CA ARG A 40 -18.23 9.31 -14.01
C ARG A 40 -16.98 10.15 -13.72
N ASN A 41 -16.11 9.65 -12.84
CA ASN A 41 -14.82 10.29 -12.61
C ASN A 41 -13.78 9.22 -12.33
N PRO A 42 -12.99 8.82 -13.35
CA PRO A 42 -12.05 7.72 -13.14
C PRO A 42 -10.73 8.14 -12.49
N LEU A 43 -10.61 9.42 -12.13
CA LEU A 43 -9.33 9.89 -11.62
C LEU A 43 -9.24 10.09 -10.09
N VAL A 44 -10.16 9.47 -9.36
CA VAL A 44 -10.19 9.52 -7.88
C VAL A 44 -9.78 8.15 -7.36
N ALA A 45 -8.65 8.09 -6.65
CA ALA A 45 -8.09 6.79 -6.23
C ALA A 45 -8.94 6.02 -5.22
N VAL A 46 -9.68 6.69 -4.36
CA VAL A 46 -10.42 5.95 -3.34
C VAL A 46 -11.43 5.01 -3.98
N TYR A 47 -12.06 5.42 -5.06
CA TYR A 47 -13.08 4.55 -5.65
C TYR A 47 -12.42 3.21 -6.01
N TYR A 48 -11.17 3.25 -6.45
CA TYR A 48 -10.44 2.01 -6.78
C TYR A 48 -10.14 1.19 -5.52
N THR A 49 -9.59 1.82 -4.48
CA THR A 49 -9.32 1.10 -3.22
C THR A 49 -10.57 0.51 -2.56
N ASN A 50 -11.67 1.23 -2.57
CA ASN A 50 -12.89 0.68 -1.99
C ASN A 50 -13.30 -0.58 -2.71
N ARG A 51 -13.27 -0.54 -4.04
CA ARG A 51 -13.74 -1.68 -4.81
C ARG A 51 -12.82 -2.88 -4.65
N ALA A 52 -11.53 -2.59 -4.46
CA ALA A 52 -10.51 -3.61 -4.22
C ALA A 52 -10.85 -4.39 -2.95
N LEU A 53 -11.35 -3.65 -1.94
CA LEU A 53 -11.80 -4.21 -0.67
C LEU A 53 -13.05 -5.11 -0.77
N CYS A 54 -13.95 -4.75 -1.68
CA CYS A 54 -15.11 -5.56 -1.97
C CYS A 54 -14.67 -6.87 -2.59
N TYR A 55 -13.67 -6.76 -3.45
CA TYR A 55 -13.13 -7.92 -4.13
C TYR A 55 -12.43 -8.83 -3.12
N LEU A 56 -11.72 -8.22 -2.19
CA LEU A 56 -11.04 -8.96 -1.15
C LEU A 56 -12.08 -9.74 -0.32
N LYS A 57 -13.20 -9.12 0.03
CA LYS A 57 -14.22 -9.81 0.81
C LYS A 57 -14.92 -10.85 -0.04
N MET A 58 -15.02 -10.59 -1.34
CA MET A 58 -15.57 -11.59 -2.24
C MET A 58 -14.57 -12.67 -2.64
N GLN A 59 -13.38 -12.65 -2.04
CA GLN A 59 -12.39 -13.69 -2.28
C GLN A 59 -11.94 -13.70 -3.74
N GLN A 60 -11.67 -12.52 -4.30
CA GLN A 60 -11.15 -12.41 -5.65
C GLN A 60 -9.81 -11.69 -5.76
N HIS A 61 -8.72 -12.37 -5.47
CA HIS A 61 -7.47 -11.73 -5.30
C HIS A 61 -7.01 -11.01 -6.53
N GLU A 62 -7.42 -11.49 -7.68
CA GLU A 62 -6.89 -10.96 -8.93
C GLU A 62 -7.42 -9.57 -9.31
N GLN A 63 -8.75 -9.41 -9.27
CA GLN A 63 -9.40 -8.14 -9.57
C GLN A 63 -9.05 -7.03 -8.58
N ALA A 64 -8.94 -7.39 -7.30
CA ALA A 64 -8.54 -6.45 -6.26
C ALA A 64 -7.14 -5.92 -6.49
N LEU A 65 -6.28 -6.74 -7.09
CA LEU A 65 -4.89 -6.38 -7.35
C LEU A 65 -4.84 -5.24 -8.37
N ALA A 66 -5.68 -5.37 -9.40
CA ALA A 66 -5.76 -4.41 -10.50
C ALA A 66 -6.25 -3.04 -10.02
N ASP A 67 -7.27 -3.03 -9.16
CA ASP A 67 -7.76 -1.78 -8.61
C ASP A 67 -6.70 -1.10 -7.77
N CYS A 68 -5.91 -1.87 -7.04
CA CYS A 68 -4.78 -1.30 -6.28
C CYS A 68 -3.78 -0.65 -7.22
N ARG A 69 -3.58 -1.30 -8.34
CA ARG A 69 -2.63 -0.81 -9.28
C ARG A 69 -3.14 0.52 -9.80
N ARG A 70 -4.41 0.58 -10.16
CA ARG A 70 -4.99 1.83 -10.66
C ARG A 70 -4.87 2.95 -9.60
N ALA A 71 -5.20 2.62 -8.36
CA ALA A 71 -5.16 3.57 -7.26
C ALA A 71 -3.77 4.17 -7.09
N LEU A 72 -2.75 3.36 -7.26
CA LEU A 72 -1.37 3.82 -7.08
C LEU A 72 -0.85 4.65 -8.26
N GLU A 73 -1.48 4.51 -9.43
CA GLU A 73 -1.18 5.39 -10.57
C GLU A 73 -1.59 6.84 -10.31
N LEU A 74 -2.72 6.99 -9.62
CA LEU A 74 -3.22 8.28 -9.16
C LEU A 74 -2.62 8.78 -7.85
N ASP A 75 -2.52 7.91 -6.85
CA ASP A 75 -2.04 8.31 -5.53
C ASP A 75 -1.00 7.40 -4.98
N GLY A 76 0.26 7.74 -5.19
CA GLY A 76 1.36 6.91 -4.74
C GLY A 76 1.70 7.04 -3.27
N GLN A 77 0.89 7.78 -2.54
CA GLN A 77 1.17 8.02 -1.15
C GLN A 77 0.04 7.42 -0.32
N SER A 78 -0.79 6.62 -0.99
CA SER A 78 -1.93 6.00 -0.36
C SER A 78 -1.58 4.84 0.59
N VAL A 79 -1.94 4.95 1.86
CA VAL A 79 -1.72 3.83 2.77
C VAL A 79 -2.61 2.66 2.41
N LYS A 80 -3.87 2.85 2.17
CA LYS A 80 -4.74 1.75 1.83
C LYS A 80 -4.51 1.10 0.51
N ALA A 81 -4.07 1.83 -0.47
CA ALA A 81 -3.67 1.17 -1.71
C ALA A 81 -2.46 0.24 -1.47
N HIS A 82 -1.44 0.73 -0.78
CA HIS A 82 -0.30 -0.09 -0.44
C HIS A 82 -0.69 -1.25 0.47
N PHE A 83 -1.60 -1.01 1.40
CA PHE A 83 -2.01 -2.04 2.33
C PHE A 83 -2.80 -3.17 1.67
N PHE A 84 -3.88 -2.84 0.99
CA PHE A 84 -4.67 -3.87 0.32
C PHE A 84 -3.86 -4.62 -0.72
N LEU A 85 -2.93 -3.90 -1.37
CA LEU A 85 -2.05 -4.53 -2.37
C LEU A 85 -1.18 -5.58 -1.72
N GLY A 86 -0.62 -5.27 -0.56
CA GLY A 86 0.16 -6.25 0.15
C GLY A 86 -0.71 -7.45 0.45
N GLN A 87 -1.91 -7.20 0.97
CA GLN A 87 -2.81 -8.28 1.32
C GLN A 87 -3.21 -9.18 0.14
N CYS A 88 -3.32 -8.59 -1.04
CA CYS A 88 -3.60 -9.38 -2.25
C CYS A 88 -2.39 -10.23 -2.58
N GLN A 89 -1.21 -9.64 -2.46
CA GLN A 89 0.01 -10.39 -2.71
C GLN A 89 0.18 -11.56 -1.70
N LEU A 90 -0.19 -11.32 -0.45
CA LEU A 90 -0.13 -12.36 0.56
C LEU A 90 -1.03 -13.54 0.22
N GLU A 91 -2.23 -13.26 -0.27
CA GLU A 91 -3.12 -14.34 -0.64
C GLU A 91 -2.79 -15.01 -1.98
N MET A 92 -1.87 -14.43 -2.72
CA MET A 92 -1.37 -15.05 -3.95
C MET A 92 0.06 -15.56 -3.72
N GLU A 93 0.47 -15.56 -2.45
CA GLU A 93 1.73 -16.14 -1.98
C GLU A 93 2.98 -15.44 -2.49
N SER A 94 2.83 -14.20 -2.92
CA SER A 94 3.99 -13.39 -3.27
C SER A 94 4.53 -12.68 -2.03
N TYR A 95 5.18 -13.42 -1.15
CA TYR A 95 5.49 -12.97 0.22
C TYR A 95 6.38 -11.72 0.29
N ASP A 96 7.43 -11.70 -0.53
CA ASP A 96 8.44 -10.63 -0.43
C ASP A 96 7.94 -9.25 -0.78
N GLU A 97 7.17 -9.17 -1.86
CA GLU A 97 6.47 -7.95 -2.27
C GLU A 97 5.48 -7.51 -1.20
N ALA A 98 4.67 -8.45 -0.72
CA ALA A 98 3.65 -8.15 0.27
C ALA A 98 4.26 -7.50 1.53
N ILE A 99 5.35 -8.02 2.05
CA ILE A 99 5.98 -7.40 3.21
C ILE A 99 6.47 -5.97 2.87
N ALA A 100 6.87 -5.76 1.60
CA ALA A 100 7.36 -4.46 1.13
C ALA A 100 6.24 -3.43 1.10
N ASN A 101 5.14 -3.82 0.47
CA ASN A 101 3.97 -2.97 0.43
C ASN A 101 3.37 -2.65 1.81
N LEU A 102 3.35 -3.63 2.70
CA LEU A 102 2.86 -3.43 4.06
C LEU A 102 3.78 -2.50 4.87
N GLN A 103 5.06 -2.56 4.59
CA GLN A 103 6.01 -1.76 5.33
C GLN A 103 5.98 -0.37 4.72
N ARG A 104 5.71 -0.31 3.44
CA ARG A 104 5.60 0.98 2.78
C ARG A 104 4.32 1.66 3.27
N ALA A 105 3.27 0.86 3.46
CA ALA A 105 2.04 1.33 4.10
C ALA A 105 2.36 1.79 5.50
N TYR A 106 3.22 1.04 6.18
CA TYR A 106 3.53 1.37 7.55
C TYR A 106 4.32 2.69 7.67
N SER A 107 5.23 2.96 6.75
CA SER A 107 5.94 4.23 6.77
C SER A 107 5.03 5.42 6.51
N LEU A 108 4.15 5.29 5.52
CA LEU A 108 3.26 6.38 5.13
C LEU A 108 2.35 6.78 6.27
N ALA A 109 1.72 5.79 6.91
CA ALA A 109 0.77 6.09 7.99
C ALA A 109 1.45 6.86 9.12
N LYS A 110 2.70 6.53 9.39
CA LYS A 110 3.45 7.24 10.42
C LYS A 110 3.64 8.71 10.03
N GLU A 111 3.98 8.95 8.77
CA GLU A 111 4.28 10.29 8.28
C GLU A 111 3.01 11.12 8.35
N GLN A 112 1.93 10.55 7.86
CA GLN A 112 0.65 11.22 7.78
C GLN A 112 -0.06 11.27 9.13
N ARG A 113 0.62 10.80 10.17
CA ARG A 113 0.03 10.73 11.50
C ARG A 113 -1.33 10.03 11.53
N LEU A 114 -1.44 8.91 10.84
CA LEU A 114 -2.67 8.14 10.90
C LEU A 114 -2.64 7.13 12.06
N ASN A 115 -3.81 6.75 12.56
CA ASN A 115 -3.93 5.92 13.74
C ASN A 115 -4.87 4.75 13.55
N PHE A 116 -4.33 3.58 13.21
CA PHE A 116 -5.18 2.42 12.99
C PHE A 116 -5.02 1.38 14.11
N GLY A 117 -4.61 1.86 15.28
CA GLY A 117 -4.36 0.97 16.40
C GLY A 117 -3.13 0.10 16.19
N ASP A 118 -3.35 -1.19 16.21
CA ASP A 118 -2.25 -2.13 15.98
C ASP A 118 -2.48 -2.89 14.68
N ASP A 119 -3.25 -2.29 13.76
CA ASP A 119 -3.61 -2.98 12.50
C ASP A 119 -2.44 -3.31 11.58
N ILE A 120 -1.50 -2.39 11.39
CA ILE A 120 -0.40 -2.62 10.43
C ILE A 120 0.68 -3.58 10.95
N PRO A 121 1.19 -3.34 12.16
CA PRO A 121 2.15 -4.31 12.71
C PRO A 121 1.58 -5.72 12.81
N SER A 122 0.28 -5.91 13.05
CA SER A 122 -0.32 -7.24 13.08
C SER A 122 -0.18 -7.89 11.73
N ALA A 123 -0.64 -7.16 10.71
CA ALA A 123 -0.57 -7.63 9.32
C ALA A 123 0.86 -7.98 8.90
N LEU A 124 1.80 -7.16 9.34
CA LEU A 124 3.20 -7.35 9.06
C LEU A 124 3.64 -8.66 9.72
N ARG A 125 3.30 -8.82 10.99
CA ARG A 125 3.69 -10.01 11.75
C ARG A 125 3.12 -11.30 11.20
N ILE A 126 1.87 -11.27 10.77
CA ILE A 126 1.28 -12.43 10.14
C ILE A 126 2.05 -12.79 8.84
N ALA A 127 2.32 -11.80 7.99
CA ALA A 127 3.01 -12.03 6.71
C ALA A 127 4.43 -12.56 6.87
N LYS A 128 5.14 -12.07 7.87
CA LYS A 128 6.47 -12.57 8.15
C LYS A 128 6.43 -14.06 8.57
N LYS A 129 5.40 -14.44 9.33
CA LYS A 129 5.18 -15.84 9.71
C LYS A 129 4.80 -16.71 8.52
N LYS A 130 3.84 -16.23 7.73
CA LYS A 130 3.39 -16.97 6.54
C LYS A 130 4.56 -17.26 5.61
N ARG A 131 5.46 -16.30 5.48
CA ARG A 131 6.63 -16.46 4.63
C ARG A 131 7.54 -17.62 5.04
N TRP A 132 7.84 -17.67 6.33
CA TRP A 132 8.66 -18.73 6.87
C TRP A 132 7.98 -20.08 6.69
N ASN A 133 6.66 -20.14 6.77
CA ASN A 133 6.00 -21.43 6.60
C ASN A 133 6.08 -21.93 5.17
N SER A 134 6.66 -21.11 4.32
CA SER A 134 6.78 -21.40 2.90
C SER A 134 8.18 -21.83 2.54
N ILE A 135 9.14 -21.41 3.34
CA ILE A 135 10.53 -21.62 3.01
C ILE A 135 10.94 -23.01 3.43
N GLU A 136 10.00 -23.80 3.86
CA GLU A 136 10.31 -25.09 4.41
C GLU A 136 11.01 -25.89 3.33
N GLU A 137 10.90 -25.46 2.08
CA GLU A 137 11.65 -26.09 0.99
C GLU A 137 13.18 -25.95 1.09
N ARG A 138 13.89 -27.03 0.78
CA ARG A 138 15.32 -27.03 0.47
C ARG A 138 15.61 -27.89 -0.74
N SER B 8 -9.13 -9.79 -32.46
CA SER B 8 -7.76 -9.27 -32.45
C SER B 8 -7.62 -8.28 -31.29
N PRO B 9 -7.09 -8.78 -30.16
CA PRO B 9 -6.79 -8.00 -28.96
C PRO B 9 -5.93 -6.77 -29.25
N SER B 10 -6.19 -5.65 -28.59
CA SER B 10 -5.36 -4.46 -28.73
C SER B 10 -4.06 -4.67 -27.97
N ALA B 11 -3.08 -3.80 -28.18
CA ALA B 11 -1.79 -3.92 -27.49
C ALA B 11 -1.91 -3.70 -25.98
N GLN B 12 -2.82 -2.80 -25.57
CA GLN B 12 -3.07 -2.54 -24.14
C GLN B 12 -3.72 -3.75 -23.45
N GLU B 13 -4.74 -4.28 -24.11
CA GLU B 13 -5.44 -5.47 -23.63
C GLU B 13 -4.44 -6.61 -23.41
N LEU B 14 -3.56 -6.80 -24.39
CA LEU B 14 -2.53 -7.82 -24.36
C LEU B 14 -1.53 -7.60 -23.24
N LYS B 15 -1.22 -6.33 -22.96
CA LYS B 15 -0.37 -6.00 -21.83
C LYS B 15 -1.12 -6.35 -20.54
N GLU B 16 -2.43 -6.10 -20.53
CA GLU B 16 -3.23 -6.42 -19.36
C GLU B 16 -3.27 -7.91 -19.10
N GLN B 17 -3.41 -8.68 -20.18
CA GLN B 17 -3.44 -10.14 -20.08
C GLN B 17 -2.12 -10.66 -19.58
N GLY B 18 -1.03 -10.08 -20.07
CA GLY B 18 0.31 -10.46 -19.67
C GLY B 18 0.56 -10.19 -18.19
N ASN B 19 0.02 -9.09 -17.70
CA ASN B 19 0.14 -8.73 -16.30
C ASN B 19 -0.56 -9.69 -15.35
N ARG B 20 -1.70 -10.24 -15.77
CA ARG B 20 -2.40 -11.21 -14.93
C ARG B 20 -1.56 -12.44 -14.81
N LEU B 21 -1.06 -12.89 -15.94
CA LEU B 21 -0.16 -14.03 -16.02
C LEU B 21 1.13 -13.84 -15.20
N PHE B 22 1.68 -12.63 -15.23
CA PHE B 22 2.95 -12.39 -14.56
C PHE B 22 2.81 -12.59 -13.06
N VAL B 23 1.75 -11.97 -12.53
CA VAL B 23 1.37 -12.10 -11.13
C VAL B 23 1.04 -13.56 -10.84
N GLY B 24 0.47 -14.25 -11.82
CA GLY B 24 0.13 -15.65 -11.69
C GLY B 24 1.34 -16.57 -11.77
N ARG B 25 2.50 -15.95 -11.95
CA ARG B 25 3.81 -16.63 -12.05
C ARG B 25 4.00 -17.53 -13.29
N LYS B 26 3.20 -17.28 -14.33
CA LYS B 26 3.38 -17.93 -15.62
C LYS B 26 4.18 -17.04 -16.62
N TYR B 27 5.50 -17.04 -16.46
CA TYR B 27 6.40 -16.12 -17.14
C TYR B 27 6.61 -16.34 -18.62
N PRO B 28 6.84 -17.60 -19.05
CA PRO B 28 6.91 -17.78 -20.50
C PRO B 28 5.61 -17.25 -21.14
N GLU B 29 4.46 -17.55 -20.56
CA GLU B 29 3.20 -17.11 -21.11
C GLU B 29 3.05 -15.59 -21.06
N ALA B 30 3.54 -14.99 -19.97
CA ALA B 30 3.53 -13.54 -19.82
C ALA B 30 4.41 -12.84 -20.85
N ALA B 31 5.59 -13.39 -21.11
CA ALA B 31 6.43 -12.82 -22.14
C ALA B 31 5.79 -12.97 -23.52
N ALA B 32 5.05 -14.06 -23.73
CA ALA B 32 4.42 -14.26 -25.02
C ALA B 32 3.35 -13.21 -25.28
N CYS B 33 2.55 -12.94 -24.26
CA CYS B 33 1.53 -11.93 -24.33
C CYS B 33 2.13 -10.54 -24.61
N TYR B 34 3.22 -10.25 -23.91
CA TYR B 34 3.89 -8.98 -24.06
C TYR B 34 4.39 -8.89 -25.48
N GLY B 35 4.84 -10.02 -26.02
CA GLY B 35 5.40 -10.04 -27.36
C GLY B 35 4.41 -9.68 -28.42
N ARG B 36 3.21 -10.24 -28.31
CA ARG B 36 2.14 -9.97 -29.26
C ARG B 36 1.77 -8.47 -29.22
N ALA B 37 1.73 -7.87 -28.02
CA ALA B 37 1.49 -6.43 -27.92
C ALA B 37 2.52 -5.61 -28.68
N ILE B 38 3.79 -5.99 -28.54
CA ILE B 38 4.92 -5.31 -29.17
C ILE B 38 4.76 -5.37 -30.66
N THR B 39 4.38 -6.54 -31.15
CA THR B 39 4.12 -6.72 -32.57
C THR B 39 3.06 -5.72 -33.05
N ARG B 40 1.98 -5.55 -32.27
CA ARG B 40 0.89 -4.66 -32.61
C ARG B 40 1.27 -3.17 -32.46
N ASN B 41 2.06 -2.84 -31.42
CA ASN B 41 2.56 -1.49 -31.22
C ASN B 41 3.93 -1.49 -30.60
N PRO B 42 4.97 -1.34 -31.42
CA PRO B 42 6.35 -1.50 -30.91
C PRO B 42 7.01 -0.28 -30.28
N LEU B 43 6.31 0.85 -30.23
CA LEU B 43 6.92 2.09 -29.76
C LEU B 43 6.56 2.47 -28.32
N VAL B 44 6.08 1.47 -27.57
CA VAL B 44 5.70 1.65 -26.16
C VAL B 44 6.72 0.99 -25.24
N ALA B 45 7.47 1.80 -24.50
CA ALA B 45 8.60 1.30 -23.71
C ALA B 45 8.26 0.35 -22.57
N VAL B 46 7.09 0.49 -21.96
CA VAL B 46 6.74 -0.32 -20.80
C VAL B 46 6.76 -1.80 -21.15
N TYR B 47 6.26 -2.12 -22.34
CA TYR B 47 6.15 -3.51 -22.77
C TYR B 47 7.50 -4.23 -22.71
N TYR B 48 8.58 -3.53 -23.08
CA TYR B 48 9.91 -4.11 -23.11
C TYR B 48 10.45 -4.42 -21.72
N THR B 49 10.37 -3.44 -20.83
CA THR B 49 10.82 -3.63 -19.45
C THR B 49 10.07 -4.77 -18.76
N ASN B 50 8.77 -4.87 -19.02
CA ASN B 50 7.99 -5.94 -18.45
C ASN B 50 8.54 -7.28 -18.92
N ARG B 51 8.81 -7.38 -20.22
CA ARG B 51 9.31 -8.63 -20.77
C ARG B 51 10.73 -8.87 -20.29
N ALA B 52 11.50 -7.80 -20.18
CA ALA B 52 12.83 -7.91 -19.60
C ALA B 52 12.74 -8.48 -18.18
N LEU B 53 11.68 -8.10 -17.46
CA LEU B 53 11.43 -8.64 -16.12
C LEU B 53 11.06 -10.15 -16.13
N CYS B 54 10.30 -10.59 -17.15
CA CYS B 54 9.96 -11.99 -17.32
C CYS B 54 11.24 -12.83 -17.53
N TYR B 55 12.17 -12.27 -18.29
CA TYR B 55 13.41 -12.95 -18.63
C TYR B 55 14.42 -13.03 -17.50
N LEU B 56 14.59 -11.96 -16.71
CA LEU B 56 15.48 -12.03 -15.56
C LEU B 56 15.04 -13.14 -14.67
N LYS B 57 13.73 -13.17 -14.44
CA LYS B 57 13.04 -14.15 -13.62
C LYS B 57 13.14 -15.54 -14.18
N MET B 58 12.97 -15.69 -15.48
CA MET B 58 13.24 -17.02 -16.08
C MET B 58 14.75 -17.24 -16.16
N GLN B 59 15.46 -16.32 -15.54
CA GLN B 59 16.90 -16.38 -15.42
C GLN B 59 17.61 -16.42 -16.77
N GLN B 60 17.18 -15.57 -17.69
CA GLN B 60 17.83 -15.45 -18.99
C GLN B 60 18.47 -14.08 -19.16
N HIS B 61 19.65 -13.90 -18.64
CA HIS B 61 20.27 -12.62 -18.57
C HIS B 61 20.48 -12.03 -19.95
N GLU B 62 20.62 -12.87 -20.94
CA GLU B 62 20.90 -12.41 -22.31
C GLU B 62 19.68 -11.75 -22.99
N GLN B 63 18.53 -12.40 -22.93
CA GLN B 63 17.30 -11.83 -23.46
C GLN B 63 16.84 -10.59 -22.64
N ALA B 64 17.07 -10.62 -21.33
CA ALA B 64 16.75 -9.48 -20.47
C ALA B 64 17.59 -8.27 -20.85
N LEU B 65 18.84 -8.49 -21.20
CA LEU B 65 19.74 -7.42 -21.59
C LEU B 65 19.26 -6.75 -22.86
N ALA B 66 18.80 -7.53 -23.81
CA ALA B 66 18.29 -7.00 -25.07
C ALA B 66 17.04 -6.09 -24.88
N ASP B 67 16.06 -6.58 -24.12
CA ASP B 67 14.85 -5.80 -23.87
C ASP B 67 15.12 -4.55 -23.05
N CYS B 68 16.05 -4.61 -22.12
CA CYS B 68 16.43 -3.40 -21.40
C CYS B 68 16.99 -2.36 -22.35
N ARG B 69 17.88 -2.79 -23.26
CA ARG B 69 18.49 -1.85 -24.20
C ARG B 69 17.38 -1.29 -25.09
N ARG B 70 16.45 -2.15 -25.49
CA ARG B 70 15.31 -1.68 -26.26
C ARG B 70 14.49 -0.59 -25.55
N ALA B 71 14.19 -0.80 -24.27
CA ALA B 71 13.40 0.14 -23.52
C ALA B 71 14.10 1.49 -23.46
N LEU B 72 15.41 1.47 -23.36
CA LEU B 72 16.15 2.72 -23.23
C LEU B 72 16.20 3.47 -24.56
N GLU B 73 15.97 2.76 -25.66
CA GLU B 73 15.90 3.40 -26.95
C GLU B 73 14.71 4.36 -27.02
N LEU B 74 13.60 3.99 -26.37
CA LEU B 74 12.42 4.87 -26.25
C LEU B 74 12.50 5.88 -25.11
N ASP B 75 12.83 5.40 -23.93
CA ASP B 75 12.75 6.18 -22.72
C ASP B 75 14.06 6.05 -21.97
N GLY B 76 15.02 6.90 -22.29
CA GLY B 76 16.34 6.80 -21.67
C GLY B 76 16.37 7.34 -20.26
N GLN B 77 15.18 7.61 -19.72
CA GLN B 77 15.02 8.22 -18.40
C GLN B 77 14.32 7.25 -17.49
N SER B 78 14.18 6.00 -17.94
CA SER B 78 13.46 4.97 -17.20
C SER B 78 14.26 4.45 -16.01
N VAL B 79 13.68 4.50 -14.82
CA VAL B 79 14.33 3.98 -13.62
C VAL B 79 14.41 2.46 -13.59
N LYS B 80 13.31 1.79 -13.87
CA LYS B 80 13.29 0.33 -13.89
C LYS B 80 14.18 -0.27 -14.98
N ALA B 81 14.20 0.32 -16.16
CA ALA B 81 15.08 -0.12 -17.24
C ALA B 81 16.56 -0.08 -16.81
N HIS B 82 16.98 1.02 -16.18
CA HIS B 82 18.36 1.13 -15.68
C HIS B 82 18.63 0.15 -14.56
N PHE B 83 17.62 -0.09 -13.72
CA PHE B 83 17.74 -1.03 -12.63
C PHE B 83 17.91 -2.45 -13.15
N PHE B 84 16.98 -2.92 -13.97
CA PHE B 84 17.07 -4.29 -14.44
C PHE B 84 18.35 -4.53 -15.25
N LEU B 85 18.76 -3.52 -16.02
CA LEU B 85 19.96 -3.65 -16.81
C LEU B 85 21.17 -3.84 -15.89
N GLY B 86 21.23 -3.04 -14.84
CA GLY B 86 22.28 -3.16 -13.83
C GLY B 86 22.26 -4.47 -13.07
N GLN B 87 21.07 -4.90 -12.64
CA GLN B 87 20.94 -6.15 -11.91
C GLN B 87 21.43 -7.27 -12.81
N CYS B 88 21.13 -7.13 -14.09
CA CYS B 88 21.55 -8.12 -15.07
C CYS B 88 23.05 -8.18 -15.18
N GLN B 89 23.65 -7.01 -15.30
CA GLN B 89 25.09 -6.87 -15.47
C GLN B 89 25.90 -7.36 -14.27
N LEU B 90 25.37 -7.10 -13.08
CA LEU B 90 25.97 -7.59 -11.85
C LEU B 90 25.99 -9.13 -11.80
N GLU B 91 24.94 -9.75 -12.35
CA GLU B 91 24.81 -11.19 -12.41
C GLU B 91 25.71 -11.79 -13.51
N MET B 92 26.26 -10.90 -14.35
CA MET B 92 27.22 -11.28 -15.39
C MET B 92 28.60 -10.70 -15.08
N GLU B 93 28.72 -10.11 -13.89
CA GLU B 93 29.99 -9.60 -13.37
C GLU B 93 30.58 -8.41 -14.16
N SER B 94 29.73 -7.70 -14.90
CA SER B 94 30.16 -6.45 -15.55
C SER B 94 30.07 -5.32 -14.53
N TYR B 95 30.99 -5.30 -13.57
CA TYR B 95 30.85 -4.45 -12.39
C TYR B 95 30.81 -2.97 -12.67
N ASP B 96 31.68 -2.49 -13.54
CA ASP B 96 31.77 -1.06 -13.82
C ASP B 96 30.52 -0.52 -14.50
N GLU B 97 30.05 -1.29 -15.47
CA GLU B 97 28.83 -1.03 -16.24
C GLU B 97 27.60 -1.00 -15.34
N ALA B 98 27.45 -2.03 -14.53
CA ALA B 98 26.33 -2.15 -13.59
C ALA B 98 26.32 -1.03 -12.56
N ILE B 99 27.50 -0.76 -12.00
CA ILE B 99 27.61 0.28 -10.98
C ILE B 99 27.13 1.62 -11.51
N ALA B 100 27.35 1.85 -12.81
CA ALA B 100 26.92 3.09 -13.46
C ALA B 100 25.41 3.21 -13.55
N ASN B 101 24.77 2.18 -14.12
CA ASN B 101 23.33 2.15 -14.23
C ASN B 101 22.57 2.23 -12.88
N LEU B 102 23.09 1.57 -11.86
CA LEU B 102 22.44 1.63 -10.56
C LEU B 102 22.52 3.06 -10.01
N GLN B 103 23.65 3.71 -10.21
CA GLN B 103 23.79 5.10 -9.82
C GLN B 103 22.81 5.90 -10.65
N ARG B 104 22.66 5.50 -11.90
CA ARG B 104 21.81 6.18 -12.85
C ARG B 104 20.33 6.10 -12.46
N ALA B 105 19.89 4.92 -12.03
CA ALA B 105 18.54 4.69 -11.51
C ALA B 105 18.27 5.51 -10.24
N TYR B 106 19.29 5.61 -9.40
CA TYR B 106 19.17 6.29 -8.12
C TYR B 106 18.95 7.78 -8.36
N SER B 107 19.69 8.32 -9.33
CA SER B 107 19.56 9.73 -9.71
C SER B 107 18.19 10.03 -10.33
N LEU B 108 17.79 9.16 -11.26
CA LEU B 108 16.51 9.32 -11.94
C LEU B 108 15.36 9.24 -10.96
N ALA B 109 15.37 8.24 -10.10
CA ALA B 109 14.29 8.06 -9.12
C ALA B 109 14.25 9.22 -8.13
N LYS B 110 15.42 9.71 -7.74
CA LYS B 110 15.47 10.77 -6.77
C LYS B 110 14.81 12.00 -7.40
N GLU B 111 15.04 12.18 -8.70
CA GLU B 111 14.42 13.25 -9.47
C GLU B 111 12.92 13.06 -9.63
N GLN B 112 12.53 11.86 -10.06
CA GLN B 112 11.14 11.59 -10.39
C GLN B 112 10.31 11.35 -9.12
N ARG B 113 10.97 11.49 -7.98
CA ARG B 113 10.34 11.30 -6.70
C ARG B 113 9.65 9.92 -6.62
N LEU B 114 10.39 8.89 -7.05
CA LEU B 114 9.96 7.51 -6.85
C LEU B 114 10.57 6.91 -5.56
N ASN B 115 9.77 6.10 -4.87
CA ASN B 115 10.17 5.60 -3.57
C ASN B 115 10.07 4.09 -3.57
N PHE B 116 11.21 3.45 -3.80
CA PHE B 116 11.28 2.01 -3.84
C PHE B 116 11.95 1.46 -2.58
N GLY B 117 11.90 2.21 -1.49
CA GLY B 117 12.55 1.80 -0.27
C GLY B 117 14.07 1.74 -0.35
N ASP B 118 14.61 0.58 -0.04
CA ASP B 118 16.04 0.39 -0.09
C ASP B 118 16.50 -0.41 -1.30
N ASP B 119 15.61 -0.70 -2.25
CA ASP B 119 15.98 -1.59 -3.33
C ASP B 119 17.18 -1.03 -4.11
N ILE B 120 17.19 0.28 -4.36
CA ILE B 120 18.28 0.87 -5.15
C ILE B 120 19.60 1.08 -4.38
N PRO B 121 19.53 1.75 -3.21
CA PRO B 121 20.78 1.95 -2.49
C PRO B 121 21.48 0.62 -2.16
N SER B 122 20.69 -0.41 -1.86
CA SER B 122 21.21 -1.72 -1.51
C SER B 122 21.92 -2.33 -2.69
N ALA B 123 21.25 -2.39 -3.83
CA ALA B 123 21.84 -2.94 -5.04
C ALA B 123 23.14 -2.24 -5.32
N LEU B 124 23.20 -0.94 -5.02
CA LEU B 124 24.40 -0.14 -5.21
C LEU B 124 25.60 -0.53 -4.33
N ARG B 125 25.41 -0.61 -3.02
CA ARG B 125 26.54 -0.96 -2.16
C ARG B 125 27.05 -2.39 -2.44
N ILE B 126 26.11 -3.30 -2.70
CA ILE B 126 26.45 -4.67 -3.02
C ILE B 126 27.34 -4.80 -4.25
N ALA B 127 26.95 -4.18 -5.37
CA ALA B 127 27.76 -4.26 -6.58
C ALA B 127 29.15 -3.63 -6.38
N LYS B 128 29.21 -2.55 -5.60
CA LYS B 128 30.50 -1.95 -5.28
C LYS B 128 31.40 -2.92 -4.51
N LYS B 129 30.81 -3.67 -3.57
CA LYS B 129 31.56 -4.66 -2.79
C LYS B 129 32.04 -5.81 -3.65
N LYS B 130 31.13 -6.47 -4.35
CA LYS B 130 31.47 -7.56 -5.24
C LYS B 130 32.49 -7.14 -6.28
N ARG B 131 32.47 -5.87 -6.68
CA ARG B 131 33.52 -5.38 -7.57
C ARG B 131 34.89 -5.39 -6.89
N TRP B 132 34.94 -4.81 -5.69
CA TRP B 132 36.18 -4.58 -4.96
C TRP B 132 36.92 -5.89 -4.70
N ASN B 133 36.14 -6.95 -4.48
CA ASN B 133 36.64 -8.28 -4.18
C ASN B 133 37.38 -8.97 -5.34
N ASP C 3 6.81 4.99 22.95
CA ASP C 3 6.12 4.78 21.67
C ASP C 3 5.33 3.45 21.60
N PRO C 4 4.04 3.52 21.24
CA PRO C 4 3.13 2.34 21.22
C PRO C 4 3.63 1.20 20.33
N PHE C 5 4.27 1.54 19.20
CA PHE C 5 4.81 0.55 18.26
C PHE C 5 6.03 -0.22 18.78
N THR C 6 6.93 0.46 19.47
CA THR C 6 8.02 -0.23 20.16
C THR C 6 7.45 -1.06 21.30
N GLU C 7 6.38 -0.58 21.90
CA GLU C 7 5.66 -1.37 22.88
C GLU C 7 5.12 -2.64 22.21
N PHE C 8 4.63 -2.50 20.97
CA PHE C 8 4.09 -3.66 20.24
C PHE C 8 5.21 -4.62 19.87
N SER C 9 6.36 -4.05 19.53
CA SER C 9 7.50 -4.85 19.12
C SER C 9 8.01 -5.73 20.26
N LEU C 10 8.04 -5.19 21.48
CA LEU C 10 8.48 -6.01 22.59
C LEU C 10 7.49 -7.13 22.83
N GLU C 11 6.19 -6.85 22.76
CA GLU C 11 5.17 -7.88 22.99
C GLU C 11 5.23 -8.97 21.95
N SER C 12 5.53 -8.57 20.72
CA SER C 12 5.62 -9.52 19.63
C SER C 12 6.80 -10.46 19.84
N TYR C 13 7.93 -9.92 20.28
CA TYR C 13 9.11 -10.72 20.62
C TYR C 13 8.78 -11.72 21.73
N ALA C 14 8.14 -11.23 22.78
CA ALA C 14 7.74 -12.06 23.88
C ALA C 14 6.83 -13.22 23.42
N PHE C 15 5.86 -12.87 22.59
CA PHE C 15 4.87 -13.83 22.10
C PHE C 15 5.54 -14.86 21.20
N ASN C 16 6.54 -14.40 20.46
CA ASN C 16 7.27 -15.29 19.58
C ASN C 16 8.14 -16.24 20.39
N MET C 17 8.80 -15.70 21.41
CA MET C 17 9.64 -16.55 22.25
C MET C 17 8.85 -17.65 22.93
N LYS C 18 7.57 -17.42 23.20
CA LYS C 18 6.76 -18.43 23.87
C LYS C 18 6.52 -19.64 22.99
N ALA C 19 6.16 -19.44 21.72
CA ALA C 19 5.99 -20.58 20.84
C ALA C 19 7.33 -21.23 20.54
N THR C 20 8.39 -20.41 20.47
CA THR C 20 9.71 -20.97 20.21
C THR C 20 10.17 -21.95 21.30
N VAL C 21 10.11 -21.57 22.57
CA VAL C 21 10.59 -22.46 23.63
C VAL C 21 9.80 -23.77 23.67
N GLU C 22 8.57 -23.75 23.18
CA GLU C 22 7.79 -24.95 23.23
C GLU C 22 8.29 -25.87 22.13
N ASP C 23 8.99 -25.31 21.16
CA ASP C 23 9.59 -26.12 20.09
C ASP C 23 10.91 -26.75 20.47
N GLU C 24 11.70 -26.02 21.25
CA GLU C 24 12.94 -26.53 21.77
C GLU C 24 12.65 -27.75 22.65
N LYS C 25 11.42 -27.81 23.17
CA LYS C 25 10.90 -29.04 23.76
C LYS C 25 10.82 -30.23 22.78
N LYS C 29 15.82 -30.33 23.71
CA LYS C 29 16.71 -29.17 23.55
C LYS C 29 16.60 -28.11 24.65
N ILE C 30 15.68 -28.31 25.59
CA ILE C 30 15.61 -27.41 26.73
C ILE C 30 14.98 -28.11 27.97
N ASN C 31 15.43 -27.72 29.17
CA ASN C 31 14.89 -28.31 30.39
C ASN C 31 13.57 -27.66 30.72
N ASP C 32 12.69 -28.40 31.39
CA ASP C 32 11.39 -27.87 31.73
C ASP C 32 11.54 -26.72 32.73
N GLU C 33 12.70 -26.63 33.38
CA GLU C 33 13.00 -25.50 34.25
C GLU C 33 13.45 -24.28 33.46
N ASP C 34 14.26 -24.50 32.43
CA ASP C 34 14.64 -23.41 31.54
C ASP C 34 13.43 -22.95 30.74
N LYS C 35 12.59 -23.89 30.33
CA LYS C 35 11.37 -23.54 29.64
C LYS C 35 10.54 -22.60 30.51
N GLN C 36 10.36 -22.99 31.76
CA GLN C 36 9.48 -22.29 32.70
C GLN C 36 10.07 -20.95 33.12
N LYS C 37 11.38 -20.87 33.12
CA LYS C 37 12.02 -19.66 33.58
C LYS C 37 11.92 -18.62 32.47
N ILE C 38 11.93 -19.10 31.23
CA ILE C 38 11.75 -18.24 30.06
C ILE C 38 10.29 -17.82 29.88
N LEU C 39 9.38 -18.78 29.95
CA LEU C 39 7.95 -18.49 29.89
C LEU C 39 7.50 -17.47 30.93
N ASP C 40 7.99 -17.61 32.16
CA ASP C 40 7.63 -16.66 33.21
C ASP C 40 8.02 -15.26 32.81
N LYS C 41 9.26 -15.07 32.38
CA LYS C 41 9.74 -13.73 32.07
C LYS C 41 9.03 -13.11 30.87
N CYS C 42 8.60 -13.94 29.94
CA CYS C 42 7.84 -13.47 28.78
C CYS C 42 6.50 -12.93 29.22
N ASN C 43 5.79 -13.72 30.04
CA ASN C 43 4.50 -13.31 30.55
C ASN C 43 4.57 -12.12 31.51
N GLU C 44 5.61 -12.04 32.32
CA GLU C 44 5.79 -10.89 33.18
C GLU C 44 5.93 -9.60 32.36
N ILE C 45 6.71 -9.68 31.29
CA ILE C 45 6.92 -8.53 30.41
C ILE C 45 5.66 -8.16 29.62
N ILE C 46 4.96 -9.17 29.11
CA ILE C 46 3.72 -8.88 28.40
C ILE C 46 2.72 -8.24 29.33
N ASN C 47 2.60 -8.79 30.53
CA ASN C 47 1.72 -8.22 31.53
C ASN C 47 2.07 -6.77 31.83
N TRP C 48 3.35 -6.51 32.02
CA TRP C 48 3.82 -5.16 32.32
C TRP C 48 3.55 -4.19 31.17
N LEU C 49 3.72 -4.64 29.94
CA LEU C 49 3.48 -3.77 28.80
C LEU C 49 1.99 -3.48 28.66
N ASP C 50 1.17 -4.48 28.99
CA ASP C 50 -0.28 -4.33 28.83
C ASP C 50 -0.84 -3.26 29.77
N LYS C 51 -0.42 -3.28 31.02
CA LYS C 51 -0.97 -2.39 32.04
C LYS C 51 -0.19 -1.07 32.13
N ASN C 52 0.75 -0.86 31.20
CA ASN C 52 1.61 0.34 31.18
C ASN C 52 1.92 0.85 29.79
N GLN C 53 0.98 1.56 29.15
CA GLN C 53 1.24 2.05 27.79
C GLN C 53 1.86 3.43 27.81
N THR C 54 2.25 3.91 28.97
CA THR C 54 2.90 5.21 29.07
C THR C 54 4.42 5.04 28.88
N ALA C 55 4.92 3.86 29.23
CA ALA C 55 6.35 3.56 29.10
C ALA C 55 7.27 4.65 29.65
N GLU C 59 13.40 3.18 32.59
CA GLU C 59 12.71 2.07 33.24
C GLU C 59 11.93 1.27 32.21
N PHE C 60 11.32 2.01 31.31
CA PHE C 60 10.46 1.46 30.28
C PHE C 60 11.13 0.35 29.49
N GLU C 61 12.26 0.66 28.86
CA GLU C 61 12.93 -0.32 28.02
C GLU C 61 14.16 -0.86 28.71
N HIS C 62 14.17 -0.69 30.03
CA HIS C 62 15.01 -1.44 30.92
C HIS C 62 14.47 -2.87 30.87
N GLN C 63 13.14 -2.96 30.76
CA GLN C 63 12.43 -4.23 30.63
C GLN C 63 12.91 -5.03 29.43
N GLN C 64 13.26 -4.33 28.37
CA GLN C 64 13.77 -4.97 27.18
C GLN C 64 15.05 -5.73 27.49
N LYS C 65 15.97 -5.07 28.19
CA LYS C 65 17.22 -5.71 28.58
C LYS C 65 17.04 -6.99 29.40
N GLU C 66 16.14 -6.95 30.38
CA GLU C 66 15.91 -8.11 31.21
C GLU C 66 15.41 -9.29 30.39
N LEU C 67 14.44 -9.03 29.52
CA LEU C 67 13.88 -10.08 28.68
C LEU C 67 14.86 -10.59 27.63
N GLU C 68 15.70 -9.71 27.10
CA GLU C 68 16.64 -10.14 26.08
C GLU C 68 17.76 -10.98 26.68
N LYS C 69 18.06 -10.77 27.95
CA LYS C 69 19.18 -11.47 28.54
C LYS C 69 18.82 -12.88 28.97
N VAL C 70 17.53 -13.20 29.04
CA VAL C 70 17.16 -14.59 29.28
C VAL C 70 16.88 -15.30 27.97
N CYS C 71 16.38 -14.57 26.97
CA CYS C 71 15.95 -15.17 25.72
C CYS C 71 17.10 -15.41 24.76
N ASN C 72 18.20 -14.69 24.95
CA ASN C 72 19.32 -14.72 24.03
C ASN C 72 19.97 -16.09 23.88
N PRO C 73 20.10 -16.83 24.96
CA PRO C 73 20.68 -18.17 24.85
C PRO C 73 19.93 -19.06 23.88
N ILE C 74 18.61 -18.97 23.90
CA ILE C 74 17.76 -19.78 23.03
C ILE C 74 17.82 -19.38 21.55
N ILE C 75 17.81 -18.09 21.27
CA ILE C 75 17.90 -17.63 19.89
C ILE C 75 19.29 -17.91 19.32
N THR C 76 20.34 -17.65 20.11
CA THR C 76 21.72 -17.84 19.69
C THR C 76 22.00 -19.31 19.32
N LYS C 77 21.16 -20.21 19.79
CA LYS C 77 21.27 -21.60 19.42
C LYS C 77 20.54 -21.89 18.10
N LEU C 78 19.51 -21.09 17.81
CA LEU C 78 18.73 -21.26 16.57
C LEU C 78 19.51 -20.73 15.38
N TYR C 79 20.17 -19.60 15.62
CA TYR C 79 21.01 -18.95 14.64
C TYR C 79 22.20 -19.84 14.27
N GLN C 80 22.79 -20.46 15.28
CA GLN C 80 23.89 -21.38 15.08
C GLN C 80 23.49 -22.69 14.40
N SER C 81 22.25 -23.09 14.63
CA SER C 81 21.66 -24.18 13.89
C SER C 81 21.59 -23.68 12.46
N ALA C 82 22.01 -24.50 11.51
CA ALA C 82 21.88 -24.12 10.11
C ALA C 82 22.95 -23.08 9.81
N GLY C 83 23.72 -22.70 10.82
CA GLY C 83 24.81 -21.76 10.62
C GLY C 83 24.55 -20.35 10.10
N GLY C 84 23.38 -19.80 10.39
CA GLY C 84 23.11 -18.37 10.19
C GLY C 84 23.33 -17.68 8.85
N MET C 85 22.89 -18.30 7.75
CA MET C 85 23.05 -17.70 6.41
C MET C 85 22.30 -16.36 6.28
N PRO C 86 22.62 -15.59 5.25
CA PRO C 86 21.97 -14.29 5.00
C PRO C 86 20.45 -14.33 5.24
N GLY C 87 19.78 -15.41 4.85
CA GLY C 87 18.36 -15.54 5.11
C GLY C 87 17.30 -14.75 4.34
N GLY C 88 17.36 -14.80 3.01
CA GLY C 88 16.25 -14.39 2.18
C GLY C 88 15.70 -15.57 1.40
N PRO C 95 14.30 -7.47 -4.93
CA PRO C 95 13.86 -6.09 -4.69
C PRO C 95 12.42 -5.93 -5.13
N THR C 96 11.71 -4.90 -4.67
CA THR C 96 10.28 -4.82 -4.96
C THR C 96 9.95 -3.72 -5.97
N ILE C 97 10.98 -3.06 -6.46
CA ILE C 97 10.94 -2.26 -7.66
C ILE C 97 10.64 -3.27 -8.76
N GLU C 98 10.92 -4.54 -8.51
CA GLU C 98 10.71 -5.54 -9.52
C GLU C 98 9.28 -6.03 -9.57
N GLU C 99 8.38 -5.14 -10.01
CA GLU C 99 6.99 -5.54 -10.21
C GLU C 99 6.62 -5.01 -11.59
N VAL C 100 5.77 -5.72 -12.34
CA VAL C 100 5.43 -5.20 -13.65
C VAL C 100 4.51 -4.01 -13.56
N ASP C 101 4.67 -3.10 -14.52
CA ASP C 101 3.83 -1.90 -14.61
C ASP C 101 2.71 -2.16 -15.59
N ASP D 3 -39.82 21.94 9.08
CA ASP D 3 -39.65 20.92 10.11
C ASP D 3 -38.25 20.96 10.76
N PRO D 4 -38.25 21.05 12.08
CA PRO D 4 -37.04 21.28 12.89
C PRO D 4 -35.97 20.20 12.75
N PHE D 5 -36.37 18.95 12.66
CA PHE D 5 -35.43 17.82 12.59
C PHE D 5 -34.67 17.77 11.27
N THR D 6 -35.39 17.94 10.16
CA THR D 6 -34.71 18.03 8.89
C THR D 6 -33.92 19.34 8.78
N GLU D 7 -34.50 20.42 9.29
CA GLU D 7 -33.82 21.71 9.28
C GLU D 7 -32.50 21.68 10.06
N PHE D 8 -32.47 20.94 11.15
CA PHE D 8 -31.24 20.86 11.94
C PHE D 8 -30.05 20.25 11.21
N SER D 9 -30.28 19.19 10.44
CA SER D 9 -29.18 18.55 9.73
C SER D 9 -28.54 19.49 8.72
N LEU D 10 -29.37 20.27 8.02
CA LEU D 10 -28.84 21.24 7.09
C LEU D 10 -27.97 22.30 7.75
N GLU D 11 -28.46 22.87 8.85
CA GLU D 11 -27.70 23.93 9.50
C GLU D 11 -26.40 23.44 10.09
N SER D 12 -26.42 22.27 10.71
CA SER D 12 -25.21 21.70 11.29
C SER D 12 -24.21 21.32 10.20
N TYR D 13 -24.70 20.76 9.11
CA TYR D 13 -23.84 20.45 7.98
C TYR D 13 -23.09 21.67 7.53
N ALA D 14 -23.81 22.76 7.36
CA ALA D 14 -23.22 24.02 6.94
C ALA D 14 -22.10 24.56 7.87
N PHE D 15 -22.32 24.54 9.17
CA PHE D 15 -21.34 25.10 10.10
C PHE D 15 -20.06 24.26 10.21
N ASN D 16 -20.27 22.94 10.15
CA ASN D 16 -19.21 21.96 10.29
C ASN D 16 -18.32 21.95 9.07
N MET D 17 -18.96 22.07 7.90
CA MET D 17 -18.26 22.10 6.62
C MET D 17 -17.26 23.26 6.56
N LYS D 18 -17.66 24.37 7.16
CA LYS D 18 -16.84 25.57 7.24
C LYS D 18 -15.64 25.36 8.13
N ALA D 19 -15.87 24.73 9.28
CA ALA D 19 -14.81 24.45 10.25
C ALA D 19 -13.85 23.44 9.66
N THR D 20 -14.38 22.52 8.87
CA THR D 20 -13.54 21.53 8.22
C THR D 20 -12.54 22.16 7.24
N VAL D 21 -13.02 22.92 6.26
CA VAL D 21 -12.12 23.47 5.25
C VAL D 21 -11.06 24.44 5.82
N GLU D 22 -11.36 25.02 6.97
CA GLU D 22 -10.45 25.96 7.63
C GLU D 22 -9.47 25.29 8.59
N ASP D 23 -9.63 23.98 8.75
CA ASP D 23 -8.82 23.19 9.67
C ASP D 23 -7.37 23.12 9.20
N GLU D 24 -6.45 23.22 10.15
CA GLU D 24 -5.02 23.16 9.88
C GLU D 24 -4.57 21.83 9.25
N LYS D 25 -5.28 20.75 9.56
CA LYS D 25 -5.03 19.47 8.94
C LYS D 25 -5.15 19.49 7.41
N LEU D 26 -6.12 20.24 6.89
CA LEU D 26 -6.34 20.24 5.44
C LEU D 26 -5.55 21.34 4.71
N GLN D 27 -4.55 21.89 5.37
CA GLN D 27 -3.67 22.87 4.75
C GLN D 27 -2.85 22.23 3.66
N GLY D 28 -2.80 22.89 2.51
CA GLY D 28 -2.12 22.32 1.36
C GLY D 28 -2.92 21.20 0.71
N LYS D 29 -4.16 20.99 1.15
CA LYS D 29 -5.06 20.04 0.50
C LYS D 29 -6.18 20.76 -0.24
N ILE D 30 -6.21 22.08 -0.11
CA ILE D 30 -7.22 22.87 -0.79
C ILE D 30 -6.66 24.25 -1.09
N ASN D 31 -7.01 24.79 -2.25
CA ASN D 31 -6.55 26.13 -2.60
C ASN D 31 -7.50 27.12 -1.98
N ASP D 32 -7.00 28.31 -1.67
CA ASP D 32 -7.80 29.32 -1.00
C ASP D 32 -9.00 29.78 -1.83
N GLU D 33 -9.01 29.48 -3.12
CA GLU D 33 -10.16 29.83 -3.94
C GLU D 33 -11.32 28.88 -3.68
N ASP D 34 -11.02 27.58 -3.64
CA ASP D 34 -12.03 26.58 -3.33
C ASP D 34 -12.42 26.59 -1.86
N LYS D 35 -11.43 26.90 -1.03
CA LYS D 35 -11.61 27.08 0.40
C LYS D 35 -12.62 28.22 0.64
N GLN D 36 -12.48 29.31 -0.13
CA GLN D 36 -13.38 30.45 -0.04
C GLN D 36 -14.81 30.23 -0.55
N LYS D 37 -14.98 29.41 -1.57
CA LYS D 37 -16.31 29.25 -2.12
C LYS D 37 -17.19 28.29 -1.29
N ILE D 38 -16.55 27.46 -0.47
CA ILE D 38 -17.31 26.65 0.49
C ILE D 38 -17.85 27.57 1.58
N LEU D 39 -16.97 28.42 2.13
CA LEU D 39 -17.37 29.37 3.17
C LEU D 39 -18.56 30.19 2.72
N ASP D 40 -18.49 30.67 1.48
CA ASP D 40 -19.52 31.48 0.89
C ASP D 40 -20.86 30.76 0.84
N LYS D 41 -20.90 29.58 0.24
CA LYS D 41 -22.17 28.88 0.06
C LYS D 41 -22.77 28.41 1.38
N CYS D 42 -21.92 28.09 2.34
CA CYS D 42 -22.37 27.71 3.67
C CYS D 42 -23.00 28.91 4.36
N ASN D 43 -22.31 30.05 4.30
CA ASN D 43 -22.79 31.29 4.88
C ASN D 43 -24.09 31.74 4.21
N GLU D 44 -24.18 31.50 2.92
CA GLU D 44 -25.41 31.77 2.20
C GLU D 44 -26.60 30.88 2.61
N ILE D 45 -26.36 29.59 2.81
CA ILE D 45 -27.42 28.67 3.19
C ILE D 45 -27.89 28.92 4.62
N ILE D 46 -26.95 29.19 5.52
CA ILE D 46 -27.25 29.48 6.92
C ILE D 46 -28.14 30.71 7.00
N ASN D 47 -27.73 31.73 6.27
CA ASN D 47 -28.46 32.97 6.17
C ASN D 47 -29.88 32.78 5.71
N TRP D 48 -30.07 31.95 4.71
CA TRP D 48 -31.39 31.68 4.17
C TRP D 48 -32.31 31.05 5.20
N LEU D 49 -31.76 30.15 6.01
CA LEU D 49 -32.56 29.46 7.03
C LEU D 49 -33.00 30.45 8.10
N ASP D 50 -32.17 31.46 8.33
CA ASP D 50 -32.45 32.46 9.35
C ASP D 50 -33.74 33.22 9.00
N LYS D 51 -33.97 33.48 7.73
CA LYS D 51 -35.14 34.23 7.29
C LYS D 51 -36.33 33.34 6.95
N ASN D 52 -36.07 32.33 6.14
CA ASN D 52 -37.17 31.56 5.60
C ASN D 52 -37.58 30.42 6.52
N GLN D 53 -38.31 30.76 7.57
CA GLN D 53 -38.77 29.76 8.52
C GLN D 53 -40.22 29.36 8.28
N THR D 54 -40.79 29.95 7.23
CA THR D 54 -42.12 29.62 6.78
C THR D 54 -42.11 28.68 5.56
N ALA D 55 -40.98 28.66 4.86
CA ALA D 55 -40.84 27.93 3.59
C ALA D 55 -41.23 26.45 3.63
N GLU D 56 -41.50 25.91 2.46
CA GLU D 56 -42.04 24.59 2.30
C GLU D 56 -40.99 23.58 1.89
N LYS D 57 -41.38 22.31 1.88
CA LYS D 57 -40.44 21.23 1.75
C LYS D 57 -39.64 21.32 0.47
N GLU D 58 -40.28 21.63 -0.64
CA GLU D 58 -39.56 21.73 -1.90
C GLU D 58 -38.54 22.83 -1.85
N GLU D 59 -38.92 23.93 -1.22
CA GLU D 59 -38.05 25.08 -1.09
C GLU D 59 -36.83 24.72 -0.28
N PHE D 60 -37.03 23.96 0.79
CA PHE D 60 -35.92 23.51 1.60
C PHE D 60 -35.01 22.59 0.81
N GLU D 61 -35.65 21.72 0.05
CA GLU D 61 -34.99 20.71 -0.75
C GLU D 61 -34.12 21.34 -1.83
N HIS D 62 -34.56 22.46 -2.37
CA HIS D 62 -33.80 23.09 -3.43
C HIS D 62 -32.49 23.61 -2.86
N GLN D 63 -32.55 24.23 -1.68
CA GLN D 63 -31.36 24.76 -1.02
C GLN D 63 -30.35 23.66 -0.68
N GLN D 64 -30.87 22.52 -0.29
CA GLN D 64 -30.07 21.37 0.04
C GLN D 64 -29.29 20.87 -1.18
N LYS D 65 -30.00 20.61 -2.28
CA LYS D 65 -29.39 20.16 -3.53
C LYS D 65 -28.35 21.15 -4.00
N GLU D 66 -28.67 22.44 -3.87
CA GLU D 66 -27.74 23.49 -4.25
C GLU D 66 -26.43 23.44 -3.47
N LEU D 67 -26.53 23.29 -2.16
CA LEU D 67 -25.36 23.30 -1.31
C LEU D 67 -24.41 22.12 -1.57
N GLU D 68 -24.98 20.93 -1.82
CA GLU D 68 -24.16 19.77 -2.14
C GLU D 68 -23.67 19.79 -3.58
N LYS D 69 -24.17 20.72 -4.41
CA LYS D 69 -23.72 20.83 -5.81
C LYS D 69 -22.42 21.63 -5.87
N VAL D 70 -22.13 22.36 -4.80
CA VAL D 70 -20.87 23.08 -4.67
C VAL D 70 -19.83 22.28 -3.90
N CYS D 71 -20.29 21.53 -2.90
CA CYS D 71 -19.39 20.89 -1.96
C CYS D 71 -18.83 19.57 -2.45
N ASN D 72 -19.69 18.78 -3.07
CA ASN D 72 -19.26 17.47 -3.55
C ASN D 72 -18.03 17.57 -4.46
N PRO D 73 -18.04 18.50 -5.44
CA PRO D 73 -16.85 18.62 -6.28
C PRO D 73 -15.57 18.94 -5.50
N ILE D 74 -15.67 19.84 -4.54
CA ILE D 74 -14.55 20.19 -3.69
C ILE D 74 -14.21 19.03 -2.77
N ILE D 75 -15.23 18.27 -2.39
CA ILE D 75 -15.00 17.10 -1.55
C ILE D 75 -14.14 16.16 -2.38
N THR D 76 -14.55 15.95 -3.62
CA THR D 76 -13.88 15.03 -4.53
C THR D 76 -12.44 15.41 -4.80
N LYS D 77 -12.13 16.68 -4.66
CA LYS D 77 -10.77 17.13 -4.90
C LYS D 77 -9.92 16.92 -3.66
N LEU D 78 -10.56 16.75 -2.50
CA LEU D 78 -9.81 16.51 -1.28
C LEU D 78 -9.25 15.10 -1.31
N TYR D 79 -10.03 14.21 -1.91
CA TYR D 79 -9.60 12.85 -2.14
C TYR D 79 -8.40 12.84 -3.09
N GLN D 80 -8.44 13.69 -4.12
CA GLN D 80 -7.41 13.78 -5.15
C GLN D 80 -6.09 14.43 -4.71
N SER D 81 -5.94 14.67 -3.41
CA SER D 81 -4.74 15.27 -2.88
C SER D 81 -3.77 14.16 -2.49
N ALA D 82 -2.71 14.53 -1.77
CA ALA D 82 -1.72 13.56 -1.32
C ALA D 82 -1.99 12.88 0.03
N GLY D 83 -3.15 12.23 0.13
CA GLY D 83 -3.52 11.53 1.34
C GLY D 83 -3.96 10.10 1.06
N GLY D 84 -5.08 9.92 0.36
CA GLY D 84 -5.90 11.01 -0.15
C GLY D 84 -6.70 11.68 0.94
N MET D 85 -7.61 10.94 1.55
CA MET D 85 -8.44 11.46 2.61
C MET D 85 -9.04 10.31 3.44
N PRO D 86 -8.19 9.59 4.14
CA PRO D 86 -8.64 8.49 4.99
C PRO D 86 -9.30 9.00 6.28
N PRO D 95 -10.37 -4.26 13.47
CA PRO D 95 -9.64 -3.71 12.32
C PRO D 95 -10.28 -2.46 11.72
N THR D 96 -9.73 -1.30 12.05
CA THR D 96 -10.24 -0.04 11.53
C THR D 96 -9.81 0.18 10.07
N ILE D 97 -8.59 -0.20 9.74
CA ILE D 97 -8.07 -0.01 8.38
C ILE D 97 -8.89 -0.74 7.33
N GLU D 98 -9.63 -1.74 7.76
CA GLU D 98 -10.42 -2.55 6.83
C GLU D 98 -11.84 -2.01 6.67
N GLU D 99 -11.92 -0.78 6.22
CA GLU D 99 -13.19 -0.10 6.00
C GLU D 99 -13.13 0.71 4.71
N VAL D 100 -14.28 0.90 4.05
CA VAL D 100 -14.33 1.81 2.90
C VAL D 100 -14.22 3.27 3.33
N ASP D 101 -13.62 4.10 2.47
CA ASP D 101 -13.48 5.52 2.76
C ASP D 101 -14.56 6.45 2.14
#